data_3DHX
#
_entry.id   3DHX
#
_cell.length_a   53.277
_cell.length_b   53.277
_cell.length_c   150.495
_cell.angle_alpha   90.00
_cell.angle_beta   90.00
_cell.angle_gamma   120.00
#
_symmetry.space_group_name_H-M   'P 31 2 1'
#
loop_
_entity.id
_entity.type
_entity.pdbx_description
1 polymer 'Methionine import ATP-binding protein metN'
2 non-polymer 'IODIDE ION'
3 water water
#
_entity_poly.entity_id   1
_entity_poly.type   'polypeptide(L)'
_entity_poly.pdbx_seq_one_letter_code
;HLDIPEDYQERLQAEPFTDCVPMLRLEFTGQSVDAPLLSETARRFNVNNNIISAQMDYAGGVKFGIMLTEMHGTQQDTQA
AIAWLQEHHVKVEVLGYVLEHHHHHH
;
_entity_poly.pdbx_strand_id   A,B
#
# COMPACT_ATOMS: atom_id res chain seq x y z
N LEU A 2 -15.81 16.97 3.34
CA LEU A 2 -15.32 15.72 2.65
C LEU A 2 -13.84 15.44 2.79
N ASP A 3 -12.97 16.38 2.42
CA ASP A 3 -11.47 16.18 2.36
C ASP A 3 -11.08 14.85 1.71
N ILE A 4 -11.83 14.59 0.66
CA ILE A 4 -11.36 13.76 -0.41
C ILE A 4 -11.18 14.66 -1.66
N PRO A 5 -10.41 14.19 -2.68
CA PRO A 5 -10.23 15.00 -3.90
C PRO A 5 -11.59 15.32 -4.52
N GLU A 6 -11.69 16.52 -5.10
CA GLU A 6 -12.92 16.95 -5.79
C GLU A 6 -13.30 16.02 -6.88
N ASP A 7 -12.33 15.36 -7.52
CA ASP A 7 -12.62 14.39 -8.59
C ASP A 7 -13.46 13.26 -8.04
N TYR A 8 -13.13 12.85 -6.82
CA TYR A 8 -13.90 11.79 -6.15
C TYR A 8 -15.22 12.35 -5.57
N GLN A 9 -15.19 13.55 -4.97
CA GLN A 9 -16.44 14.17 -4.53
C GLN A 9 -17.44 14.13 -5.69
N GLU A 10 -16.96 14.37 -6.89
CA GLU A 10 -17.80 14.44 -8.07
C GLU A 10 -18.38 13.05 -8.55
N ARG A 11 -17.61 11.98 -8.44
CA ARG A 11 -18.05 10.68 -9.03
C ARG A 11 -18.60 9.71 -7.99
N LEU A 12 -18.37 10.02 -6.73
CA LEU A 12 -18.80 9.17 -5.64
C LEU A 12 -20.32 9.11 -5.60
N GLN A 13 -20.81 7.92 -5.40
CA GLN A 13 -22.21 7.66 -5.33
C GLN A 13 -22.42 6.88 -4.02
N ALA A 14 -23.38 7.30 -3.20
CA ALA A 14 -23.68 6.59 -1.93
C ALA A 14 -24.23 5.16 -2.18
N GLU A 15 -25.04 5.02 -3.20
CA GLU A 15 -25.75 3.76 -3.34
C GLU A 15 -24.92 2.80 -4.17
N PRO A 16 -24.82 1.54 -3.75
CA PRO A 16 -24.08 0.61 -4.63
C PRO A 16 -24.79 0.43 -5.99
N PHE A 17 -24.09 -0.14 -6.96
CA PHE A 17 -24.61 -0.38 -8.32
C PHE A 17 -23.71 -1.44 -8.98
N THR A 18 -24.26 -2.40 -9.74
CA THR A 18 -23.42 -3.54 -10.27
C THR A 18 -22.05 -3.14 -10.89
N ASP A 19 -21.06 -3.96 -10.55
CA ASP A 19 -19.63 -3.69 -10.76
C ASP A 19 -19.18 -2.27 -10.38
N CYS A 20 -19.74 -1.72 -9.30
CA CYS A 20 -19.20 -0.51 -8.71
C CYS A 20 -17.93 -0.92 -8.00
N VAL A 21 -17.15 0.05 -7.60
CA VAL A 21 -16.03 -0.19 -6.79
C VAL A 21 -16.08 0.78 -5.59
N PRO A 22 -15.87 0.23 -4.36
CA PRO A 22 -15.82 1.08 -3.20
C PRO A 22 -14.55 1.88 -3.12
N MET A 23 -14.74 3.16 -2.81
CA MET A 23 -13.71 4.05 -2.39
C MET A 23 -13.59 3.96 -0.83
N LEU A 24 -12.40 3.64 -0.29
CA LEU A 24 -12.31 3.41 1.13
C LEU A 24 -11.50 4.49 1.79
N ARG A 25 -11.86 4.81 3.01
CA ARG A 25 -10.88 5.46 3.86
C ARG A 25 -10.38 4.43 4.87
N LEU A 26 -9.08 4.22 4.87
CA LEU A 26 -8.44 3.26 5.79
C LEU A 26 -7.76 4.05 6.89
N GLU A 27 -7.92 3.61 8.14
CA GLU A 27 -7.17 4.22 9.21
C GLU A 27 -6.37 3.20 10.03
N PHE A 28 -5.06 3.38 10.07
CA PHE A 28 -4.20 2.50 10.88
C PHE A 28 -4.11 3.05 12.28
N THR A 29 -4.13 2.18 13.27
CA THR A 29 -4.34 2.74 14.63
C THR A 29 -3.21 2.20 15.53
N GLY A 30 -2.01 1.96 14.96
CA GLY A 30 -0.98 1.38 15.86
C GLY A 30 -0.51 0.01 15.49
N GLN A 31 -0.84 -0.46 14.28
CA GLN A 31 -0.31 -1.74 13.84
C GLN A 31 1.21 -1.72 13.72
N SER A 32 1.89 -2.85 13.95
CA SER A 32 3.33 -2.97 13.59
C SER A 32 3.49 -3.06 12.08
N VAL A 33 4.64 -2.60 11.56
CA VAL A 33 4.91 -2.78 10.13
C VAL A 33 5.09 -4.26 9.88
N ASP A 34 5.34 -5.03 10.96
CA ASP A 34 5.51 -6.45 10.83
C ASP A 34 4.16 -7.18 10.35
N ALA A 35 3.00 -6.52 10.40
CA ALA A 35 1.72 -7.06 9.83
C ALA A 35 1.46 -6.63 8.36
N PRO A 36 1.55 -7.56 7.43
CA PRO A 36 1.46 -7.21 5.99
C PRO A 36 -0.01 -7.25 5.50
N LEU A 37 -0.84 -6.38 6.06
CA LEU A 37 -2.29 -6.50 5.94
C LEU A 37 -2.79 -6.25 4.52
N LEU A 38 -2.39 -5.16 3.84
CA LEU A 38 -2.86 -5.00 2.44
C LEU A 38 -2.29 -6.06 1.49
N SER A 39 -1.02 -6.48 1.66
CA SER A 39 -0.43 -7.51 0.76
C SER A 39 -1.10 -8.86 0.97
N GLU A 40 -1.39 -9.22 2.20
CA GLU A 40 -2.18 -10.41 2.51
C GLU A 40 -3.58 -10.38 1.91
N THR A 41 -4.33 -9.25 1.98
CA THR A 41 -5.66 -9.20 1.33
C THR A 41 -5.62 -9.40 -0.17
N ALA A 42 -4.61 -8.85 -0.82
CA ALA A 42 -4.43 -9.06 -2.26
C ALA A 42 -4.32 -10.53 -2.70
N ARG A 43 -3.63 -11.36 -1.91
CA ARG A 43 -3.51 -12.81 -2.23
C ARG A 43 -4.73 -13.60 -1.71
N ARG A 44 -5.04 -13.37 -0.44
CA ARG A 44 -6.10 -14.07 0.27
C ARG A 44 -7.47 -13.79 -0.36
N PHE A 45 -7.70 -12.56 -0.77
CA PHE A 45 -9.02 -12.23 -1.24
C PHE A 45 -9.07 -11.90 -2.70
N ASN A 46 -7.90 -11.95 -3.35
CA ASN A 46 -7.81 -11.64 -4.81
C ASN A 46 -8.40 -10.28 -5.11
N VAL A 47 -8.01 -9.28 -4.28
CA VAL A 47 -8.40 -7.91 -4.52
C VAL A 47 -7.16 -7.05 -4.80
N ASN A 48 -7.44 -5.93 -5.43
CA ASN A 48 -6.44 -4.93 -5.59
C ASN A 48 -6.83 -3.76 -4.72
N ASN A 49 -5.81 -3.25 -4.03
CA ASN A 49 -5.96 -2.09 -3.21
C ASN A 49 -5.20 -0.97 -3.93
N ASN A 50 -5.96 -0.07 -4.60
CA ASN A 50 -5.37 0.94 -5.45
C ASN A 50 -5.22 2.18 -4.64
N ILE A 51 -4.00 2.59 -4.28
CA ILE A 51 -3.82 3.75 -3.45
C ILE A 51 -4.15 5.10 -4.18
N ILE A 52 -5.06 5.88 -3.61
CA ILE A 52 -5.36 7.19 -4.09
C ILE A 52 -4.38 8.25 -3.51
N SER A 53 -4.29 8.26 -2.19
CA SER A 53 -3.45 9.17 -1.41
C SER A 53 -3.17 8.54 -0.08
N ALA A 54 -2.19 9.08 0.65
CA ALA A 54 -1.97 8.57 1.98
C ALA A 54 -1.26 9.61 2.84
N GLN A 55 -1.56 9.60 4.12
CA GLN A 55 -0.81 10.32 5.11
C GLN A 55 -0.56 9.33 6.21
N MET A 56 0.44 8.49 5.98
CA MET A 56 0.71 7.44 6.92
C MET A 56 1.99 7.76 7.72
N ASP A 57 1.83 7.91 9.04
CA ASP A 57 2.98 8.22 9.93
C ASP A 57 3.52 7.04 10.68
N TYR A 58 4.84 7.00 10.81
CA TYR A 58 5.53 5.97 11.61
C TYR A 58 5.90 6.64 12.91
N ALA A 59 5.05 6.45 13.89
CA ALA A 59 5.18 7.18 15.14
C ALA A 59 5.23 6.18 16.28
N GLY A 60 6.17 6.38 17.21
CA GLY A 60 6.33 5.40 18.30
C GLY A 60 6.71 4.00 17.76
N GLY A 61 7.33 3.95 16.59
CA GLY A 61 7.70 2.66 16.00
C GLY A 61 6.55 1.81 15.45
N VAL A 62 5.38 2.43 15.29
CA VAL A 62 4.19 1.75 14.75
C VAL A 62 3.44 2.68 13.79
N LYS A 63 2.34 2.22 13.24
CA LYS A 63 1.65 2.94 12.14
C LYS A 63 0.34 3.59 12.57
N PHE A 64 0.28 4.89 12.39
CA PHE A 64 -0.88 5.68 12.67
C PHE A 64 -1.05 6.59 11.46
N GLY A 65 -2.19 6.50 10.80
CA GLY A 65 -2.53 7.49 9.80
C GLY A 65 -3.61 6.99 8.86
N ILE A 66 -3.72 7.66 7.70
CA ILE A 66 -4.89 7.54 6.77
C ILE A 66 -4.47 7.20 5.36
N MET A 67 -5.30 6.45 4.62
CA MET A 67 -5.11 6.24 3.20
C MET A 67 -6.49 6.31 2.53
N LEU A 68 -6.53 6.86 1.34
CA LEU A 68 -7.68 6.69 0.47
C LEU A 68 -7.36 5.68 -0.62
N THR A 69 -8.26 4.75 -0.84
CA THR A 69 -8.04 3.70 -1.81
C THR A 69 -9.32 3.39 -2.60
N GLU A 70 -9.16 2.69 -3.72
CA GLU A 70 -10.29 1.89 -4.26
C GLU A 70 -10.01 0.40 -4.04
N MET A 71 -11.05 -0.45 -3.95
CA MET A 71 -10.78 -1.88 -3.76
C MET A 71 -11.50 -2.55 -4.87
N HIS A 72 -10.73 -3.28 -5.69
CA HIS A 72 -11.24 -3.92 -6.88
C HIS A 72 -11.25 -5.38 -6.65
N GLY A 73 -12.36 -6.00 -7.03
CA GLY A 73 -12.47 -7.40 -6.91
C GLY A 73 -13.94 -7.80 -7.00
N THR A 74 -14.24 -9.08 -6.90
CA THR A 74 -15.66 -9.50 -6.88
C THR A 74 -16.32 -8.94 -5.63
N GLN A 75 -17.64 -8.89 -5.65
CA GLN A 75 -18.38 -8.38 -4.54
C GLN A 75 -18.14 -9.20 -3.28
N GLN A 76 -18.14 -10.54 -3.36
CA GLN A 76 -17.84 -11.36 -2.24
C GLN A 76 -16.43 -11.16 -1.66
N ASP A 77 -15.44 -11.09 -2.53
CA ASP A 77 -14.04 -10.91 -2.18
C ASP A 77 -13.80 -9.58 -1.48
N THR A 78 -14.45 -8.54 -2.01
CA THR A 78 -14.38 -7.19 -1.54
C THR A 78 -14.92 -7.05 -0.10
N GLN A 79 -16.11 -7.58 0.14
CA GLN A 79 -16.75 -7.63 1.46
C GLN A 79 -15.91 -8.38 2.48
N ALA A 80 -15.34 -9.52 2.04
CA ALA A 80 -14.53 -10.36 2.90
C ALA A 80 -13.24 -9.65 3.24
N ALA A 81 -12.67 -8.91 2.30
CA ALA A 81 -11.41 -8.17 2.57
C ALA A 81 -11.62 -7.02 3.54
N ILE A 82 -12.67 -6.24 3.29
CA ILE A 82 -13.07 -5.14 4.21
C ILE A 82 -13.27 -5.65 5.65
N ALA A 83 -14.07 -6.72 5.78
CA ALA A 83 -14.28 -7.30 7.12
C ALA A 83 -12.99 -7.84 7.80
N TRP A 84 -12.15 -8.49 7.03
CA TRP A 84 -10.90 -9.01 7.57
C TRP A 84 -10.01 -7.85 8.02
N LEU A 85 -9.91 -6.78 7.22
CA LEU A 85 -9.16 -5.55 7.66
C LEU A 85 -9.67 -5.03 8.98
N GLN A 86 -10.97 -4.89 9.09
CA GLN A 86 -11.56 -4.50 10.38
C GLN A 86 -11.32 -5.47 11.52
N GLU A 87 -11.39 -6.78 11.25
CA GLU A 87 -11.07 -7.81 12.25
C GLU A 87 -9.57 -7.66 12.73
N HIS A 88 -8.69 -7.05 11.94
CA HIS A 88 -7.37 -6.65 12.41
C HIS A 88 -7.23 -5.23 12.88
N HIS A 89 -8.37 -4.59 13.17
CA HIS A 89 -8.46 -3.25 13.78
C HIS A 89 -7.92 -2.12 12.91
N VAL A 90 -7.85 -2.33 11.61
CA VAL A 90 -7.74 -1.26 10.62
C VAL A 90 -9.14 -0.71 10.47
N LYS A 91 -9.36 0.55 10.82
CA LYS A 91 -10.68 1.12 10.58
C LYS A 91 -10.91 1.27 9.05
N VAL A 92 -12.10 0.90 8.58
CA VAL A 92 -12.41 0.99 7.17
C VAL A 92 -13.75 1.74 7.02
N GLU A 93 -13.76 2.85 6.26
CA GLU A 93 -15.03 3.43 5.87
C GLU A 93 -15.20 3.39 4.36
N VAL A 94 -16.30 2.79 3.89
CA VAL A 94 -16.70 2.89 2.50
C VAL A 94 -17.34 4.29 2.32
N LEU A 95 -16.64 5.18 1.64
CA LEU A 95 -17.10 6.56 1.39
C LEU A 95 -18.20 6.69 0.34
N GLY A 96 -18.35 5.64 -0.45
CA GLY A 96 -19.28 5.60 -1.54
C GLY A 96 -18.70 4.68 -2.59
N TYR A 97 -19.27 4.75 -3.82
CA TYR A 97 -18.91 3.83 -4.91
C TYR A 97 -18.61 4.61 -6.18
N VAL A 98 -17.62 4.14 -6.96
CA VAL A 98 -17.29 4.72 -8.27
C VAL A 98 -17.36 3.65 -9.37
N LEU A 99 -17.33 4.05 -10.63
CA LEU A 99 -17.26 3.05 -11.73
C LEU A 99 -15.92 2.27 -11.87
N GLU A 100 -15.99 0.95 -12.07
CA GLU A 100 -14.96 -0.01 -12.63
C GLU A 100 -13.53 -0.11 -12.05
N LEU B 2 20.60 10.32 6.36
CA LEU B 2 19.80 9.11 5.95
C LEU B 2 18.31 9.50 5.71
N ASP B 3 17.71 10.27 6.60
CA ASP B 3 16.30 10.81 6.45
C ASP B 3 15.13 9.77 6.57
N ILE B 4 15.42 8.70 7.27
CA ILE B 4 14.44 7.70 7.55
C ILE B 4 14.34 7.72 9.11
N PRO B 5 13.36 6.99 9.70
CA PRO B 5 13.20 6.96 11.18
C PRO B 5 14.47 6.45 11.88
N GLU B 6 14.80 6.97 13.06
CA GLU B 6 16.09 6.61 13.70
C GLU B 6 16.25 5.11 13.91
N ASP B 7 15.17 4.38 14.21
CA ASP B 7 15.34 2.94 14.50
C ASP B 7 15.73 2.17 13.26
N TYR B 8 15.18 2.57 12.11
CA TYR B 8 15.61 2.01 10.83
C TYR B 8 17.11 2.37 10.50
N GLN B 9 17.46 3.65 10.66
CA GLN B 9 18.87 4.10 10.48
C GLN B 9 19.86 3.23 11.28
N GLU B 10 19.49 2.97 12.54
CA GLU B 10 20.22 2.13 13.44
C GLU B 10 20.35 0.70 12.84
N ARG B 11 19.25 0.14 12.32
CA ARG B 11 19.25 -1.27 11.93
C ARG B 11 19.79 -1.45 10.52
N LEU B 12 19.77 -0.42 9.70
CA LEU B 12 20.10 -0.57 8.27
C LEU B 12 21.53 -1.08 7.92
N GLN B 13 21.63 -2.14 7.12
CA GLN B 13 22.94 -2.66 6.71
C GLN B 13 23.00 -2.41 5.22
N ALA B 14 24.20 -2.03 4.73
CA ALA B 14 24.38 -1.77 3.31
C ALA B 14 24.59 -3.04 2.56
N GLU B 15 25.08 -4.06 3.25
CA GLU B 15 25.38 -5.33 2.59
C GLU B 15 24.23 -6.33 2.80
N PRO B 16 23.78 -6.98 1.69
CA PRO B 16 22.71 -7.98 1.74
C PRO B 16 23.17 -9.31 2.44
N PHE B 17 22.41 -9.79 3.41
CA PHE B 17 22.83 -10.98 4.14
C PHE B 17 21.74 -12.04 4.05
N THR B 18 22.04 -13.28 4.43
CA THR B 18 21.05 -14.33 4.20
C THR B 18 19.77 -14.03 4.94
N ASP B 19 18.64 -14.16 4.26
CA ASP B 19 17.31 -13.83 4.86
C ASP B 19 17.06 -12.35 5.34
N CYS B 20 17.90 -11.42 4.89
CA CYS B 20 17.67 -9.97 5.11
C CYS B 20 16.38 -9.49 4.46
N VAL B 21 15.96 -8.30 4.86
CA VAL B 21 14.76 -7.68 4.33
C VAL B 21 15.22 -6.32 3.81
N PRO B 22 15.01 -6.06 2.51
CA PRO B 22 15.22 -4.73 1.89
C PRO B 22 14.24 -3.70 2.48
N MET B 23 14.77 -2.56 2.78
CA MET B 23 13.95 -1.44 3.15
C MET B 23 13.93 -0.54 1.94
N LEU B 24 12.72 -0.29 1.38
CA LEU B 24 12.63 0.44 0.12
C LEU B 24 12.15 1.85 0.38
N ARG B 25 12.60 2.81 -0.45
CA ARG B 25 11.84 4.04 -0.64
C ARG B 25 11.23 4.11 -2.05
N LEU B 26 9.91 4.24 -2.10
CA LEU B 26 9.23 4.30 -3.39
C LEU B 26 8.81 5.70 -3.70
N GLU B 27 9.08 6.15 -4.90
CA GLU B 27 8.72 7.51 -5.25
C GLU B 27 7.79 7.48 -6.43
N PHE B 28 6.60 8.02 -6.18
CA PHE B 28 5.55 8.08 -7.17
C PHE B 28 5.64 9.41 -7.87
N THR B 29 5.61 9.36 -9.19
CA THR B 29 5.79 10.55 -10.00
C THR B 29 4.75 10.65 -11.16
N GLY B 30 3.50 10.36 -10.83
CA GLY B 30 2.45 10.42 -11.86
C GLY B 30 1.82 9.14 -12.33
N GLN B 31 1.98 8.10 -11.52
CA GLN B 31 1.33 6.83 -11.79
C GLN B 31 -0.17 7.04 -11.62
N SER B 32 -0.94 6.42 -12.48
CA SER B 32 -2.31 6.48 -12.38
C SER B 32 -2.79 5.66 -11.13
N VAL B 33 -3.85 6.15 -10.50
CA VAL B 33 -4.58 5.38 -9.51
C VAL B 33 -5.10 4.06 -10.05
N ASP B 34 -5.29 3.98 -11.37
CA ASP B 34 -5.77 2.76 -12.01
C ASP B 34 -4.75 1.62 -12.12
N ALA B 35 -3.47 1.85 -11.82
CA ALA B 35 -2.48 0.77 -11.84
C ALA B 35 -2.23 0.17 -10.41
N PRO B 36 -2.63 -1.10 -10.18
CA PRO B 36 -2.50 -1.74 -8.84
C PRO B 36 -1.14 -2.40 -8.63
N LEU B 37 -0.13 -1.52 -8.58
CA LEU B 37 1.26 -1.93 -8.59
C LEU B 37 1.62 -2.79 -7.42
N LEU B 38 1.33 -2.33 -6.21
CA LEU B 38 1.78 -3.09 -5.03
C LEU B 38 0.95 -4.37 -4.85
N SER B 39 -0.35 -4.30 -5.11
CA SER B 39 -1.21 -5.48 -5.01
C SER B 39 -0.79 -6.58 -6.01
N GLU B 40 -0.53 -6.18 -7.24
CA GLU B 40 -0.07 -7.11 -8.28
C GLU B 40 1.28 -7.76 -7.91
N THR B 41 2.24 -6.98 -7.37
CA THR B 41 3.55 -7.59 -6.96
C THR B 41 3.33 -8.59 -5.85
N ALA B 42 2.41 -8.30 -4.93
CA ALA B 42 2.10 -9.26 -3.85
C ALA B 42 1.68 -10.63 -4.38
N ARG B 43 0.82 -10.64 -5.40
CA ARG B 43 0.36 -11.89 -6.01
C ARG B 43 1.40 -12.45 -6.96
N ARG B 44 1.89 -11.60 -7.85
CA ARG B 44 2.83 -12.05 -8.91
C ARG B 44 4.12 -12.65 -8.34
N PHE B 45 4.67 -12.03 -7.32
CA PHE B 45 6.01 -12.39 -6.84
C PHE B 45 5.97 -12.98 -5.44
N ASN B 46 4.76 -13.16 -4.91
CA ASN B 46 4.57 -13.69 -3.53
C ASN B 46 5.42 -12.93 -2.54
N VAL B 47 5.38 -11.58 -2.63
CA VAL B 47 6.00 -10.72 -1.60
C VAL B 47 4.99 -9.96 -0.79
N ASN B 48 5.41 -9.47 0.36
CA ASN B 48 4.67 -8.54 1.16
C ASN B 48 5.35 -7.20 1.09
N ASN B 49 4.56 -6.18 0.77
CA ASN B 49 5.03 -4.83 0.83
C ASN B 49 4.45 -4.22 2.11
N ASN B 50 5.28 -4.13 3.16
CA ASN B 50 4.82 -3.71 4.50
C ASN B 50 5.06 -2.22 4.60
N ILE B 51 3.99 -1.45 4.63
CA ILE B 51 4.16 -0.02 4.65
C ILE B 51 4.66 0.43 6.01
N ILE B 52 5.73 1.25 5.98
CA ILE B 52 6.27 1.90 7.13
C ILE B 52 5.59 3.24 7.32
N SER B 53 5.61 4.02 6.24
CA SER B 53 5.02 5.36 6.23
C SER B 53 4.77 5.75 4.80
N ALA B 54 4.00 6.82 4.57
CA ALA B 54 3.73 7.29 3.22
C ALA B 54 3.17 8.69 3.22
N GLN B 55 3.61 9.51 2.29
CA GLN B 55 3.06 10.83 2.17
C GLN B 55 2.75 10.97 0.72
N MET B 56 1.55 10.54 0.32
CA MET B 56 1.15 10.43 -1.10
C MET B 56 0.00 11.34 -1.47
N ASP B 57 0.19 12.12 -2.54
CA ASP B 57 -0.83 13.09 -2.95
C ASP B 57 -1.45 12.65 -4.24
N TYR B 58 -2.73 12.95 -4.40
CA TYR B 58 -3.47 12.69 -5.60
C TYR B 58 -3.59 14.00 -6.40
N ALA B 59 -3.24 14.01 -7.66
CA ALA B 59 -3.44 15.26 -8.43
C ALA B 59 -3.57 14.94 -9.91
N GLY B 60 -4.64 15.47 -10.53
CA GLY B 60 -4.94 15.17 -11.94
C GLY B 60 -5.26 13.75 -12.29
N GLY B 61 -5.85 13.00 -11.36
CA GLY B 61 -5.95 11.55 -11.57
C GLY B 61 -4.74 10.66 -11.30
N VAL B 62 -3.62 11.22 -10.86
CA VAL B 62 -2.40 10.42 -10.70
C VAL B 62 -1.73 10.70 -9.36
N LYS B 63 -0.62 10.03 -9.07
CA LYS B 63 -0.11 10.05 -7.69
C LYS B 63 1.30 10.60 -7.56
N PHE B 64 1.58 11.36 -6.50
CA PHE B 64 2.88 11.97 -6.29
C PHE B 64 3.22 11.87 -4.84
N GLY B 65 4.41 11.37 -4.57
CA GLY B 65 4.90 11.35 -3.24
C GLY B 65 5.76 10.13 -2.98
N ILE B 66 5.95 9.83 -1.71
CA ILE B 66 6.93 8.86 -1.23
C ILE B 66 6.26 7.81 -0.30
N MET B 67 6.76 6.59 -0.31
CA MET B 67 6.42 5.61 0.66
C MET B 67 7.73 4.94 1.13
N LEU B 68 7.82 4.65 2.42
CA LEU B 68 8.85 3.74 2.95
C LEU B 68 8.26 2.38 3.26
N THR B 69 8.92 1.32 2.81
CA THR B 69 8.37 -0.03 2.99
C THR B 69 9.50 -0.99 3.36
N GLU B 70 9.15 -2.11 3.94
CA GLU B 70 9.97 -3.33 3.79
C GLU B 70 9.39 -4.24 2.74
N MET B 71 10.22 -5.03 2.03
CA MET B 71 9.67 -6.02 1.18
C MET B 71 10.13 -7.36 1.70
N HIS B 72 9.18 -8.25 1.98
CA HIS B 72 9.46 -9.58 2.47
C HIS B 72 9.15 -10.62 1.42
N GLY B 73 10.07 -11.57 1.28
CA GLY B 73 9.90 -12.66 0.33
C GLY B 73 11.26 -13.37 0.19
N THR B 74 11.30 -14.43 -0.59
CA THR B 74 12.59 -15.03 -0.91
C THR B 74 13.42 -14.03 -1.72
N GLN B 75 14.73 -14.26 -1.71
CA GLN B 75 15.67 -13.41 -2.44
C GLN B 75 15.33 -13.22 -3.88
N GLN B 76 15.02 -14.30 -4.59
CA GLN B 76 14.68 -14.21 -5.98
C GLN B 76 13.38 -13.46 -6.26
N ASP B 77 12.38 -13.60 -5.37
CA ASP B 77 11.07 -12.97 -5.45
C ASP B 77 11.17 -11.47 -5.20
N THR B 78 11.97 -11.05 -4.22
CA THR B 78 12.05 -9.61 -3.91
C THR B 78 12.89 -8.93 -4.98
N GLN B 79 13.89 -9.63 -5.48
CA GLN B 79 14.67 -9.14 -6.62
C GLN B 79 13.79 -8.95 -7.85
N ALA B 80 12.93 -9.94 -8.15
CA ALA B 80 12.02 -9.82 -9.29
C ALA B 80 10.96 -8.76 -9.10
N ALA B 81 10.43 -8.57 -7.88
CA ALA B 81 9.43 -7.53 -7.62
C ALA B 81 10.04 -6.14 -7.76
N ILE B 82 11.23 -5.97 -7.20
CA ILE B 82 11.96 -4.70 -7.32
C ILE B 82 12.27 -4.38 -8.79
N ALA B 83 12.78 -5.38 -9.52
CA ALA B 83 13.08 -5.17 -10.96
C ALA B 83 11.79 -4.80 -11.77
N TRP B 84 10.67 -5.44 -11.43
CA TRP B 84 9.42 -5.18 -12.12
C TRP B 84 8.84 -3.78 -11.80
N LEU B 85 8.91 -3.36 -10.53
CA LEU B 85 8.51 -1.98 -10.22
C LEU B 85 9.35 -0.99 -11.04
N GLN B 86 10.67 -1.16 -11.07
CA GLN B 86 11.54 -0.33 -11.94
C GLN B 86 11.18 -0.42 -13.41
N GLU B 87 10.89 -1.64 -13.87
CA GLU B 87 10.45 -1.83 -15.26
C GLU B 87 9.17 -1.07 -15.56
N HIS B 88 8.24 -1.00 -14.61
CA HIS B 88 7.06 -0.18 -14.73
C HIS B 88 7.18 1.28 -14.27
N HIS B 89 8.42 1.78 -14.17
CA HIS B 89 8.70 3.22 -13.93
C HIS B 89 8.30 3.80 -12.58
N VAL B 90 8.17 2.95 -11.56
CA VAL B 90 8.15 3.38 -10.17
C VAL B 90 9.61 3.55 -9.79
N LYS B 91 9.93 4.73 -9.28
CA LYS B 91 11.27 5.00 -8.78
C LYS B 91 11.40 4.22 -7.45
N VAL B 92 12.36 3.33 -7.38
CA VAL B 92 12.53 2.48 -6.21
C VAL B 92 13.94 2.71 -5.76
N GLU B 93 14.17 2.85 -4.46
CA GLU B 93 15.50 2.85 -3.97
C GLU B 93 15.66 1.86 -2.81
N VAL B 94 16.62 0.93 -2.91
CA VAL B 94 16.91 0.03 -1.79
C VAL B 94 17.79 0.79 -0.84
N LEU B 95 17.26 1.16 0.32
CA LEU B 95 18.03 1.91 1.28
C LEU B 95 19.01 1.06 2.08
N GLY B 96 18.81 -0.24 2.14
CA GLY B 96 19.73 -1.09 2.91
C GLY B 96 18.85 -2.23 3.33
N TYR B 97 19.34 -3.06 4.26
CA TYR B 97 18.69 -4.36 4.55
C TYR B 97 18.55 -4.48 6.06
N VAL B 98 17.48 -5.13 6.51
CA VAL B 98 17.24 -5.29 7.96
C VAL B 98 16.89 -6.74 8.26
N LEU B 99 16.92 -7.11 9.55
CA LEU B 99 16.43 -8.44 9.94
C LEU B 99 14.93 -8.29 9.96
N GLU B 100 14.16 -9.27 9.49
CA GLU B 100 14.51 -10.67 9.42
C GLU B 100 13.53 -11.27 8.44
#